data_6AXA
#
_entry.id   6AXA
#
_cell.length_a   99.930
_cell.length_b   99.930
_cell.length_c   99.930
_cell.angle_alpha   90.00
_cell.angle_beta   90.00
_cell.angle_gamma   90.00
#
_symmetry.space_group_name_H-M   'P 21 3'
#
loop_
_entity.id
_entity.type
_entity.pdbx_description
1 polymer 'Purine nucleoside phosphorylase'
2 non-polymer 'DIMETHYL SULFOXIDE'
3 non-polymer (3S)-5-fluoro-3-hydroxy-1,3-dihydro-2H-indol-2-one
4 water water
#
_entity_poly.entity_id   1
_entity_poly.type   'polypeptide(L)'
_entity_poly.pdbx_seq_one_letter_code
;MTTPVVANYENASMAADYIKRVSNVLPDIGII(CME)GSGLGKLIEEIEERKVIPYINIPNFPKTTVAGHVGNLVLGSVG
GRKIVAMQGRLHMYEGYSNQEIALPIRVMKLLGVRVLLITNLAGGINRKLKSGDFVLIKGHINFPGLGLNNVLVGPNQDE
FGPRFPDLSNAYDRLLQQLALKIAQENDFQDLVHEGVYAFNGGPTYESPDESNMLLKLGCDVVGMSTVPEVIIACHCGIK
VLAVSLIANNSILDAENDVSINHEKVLAVAEKRADLLQMWFKEIITRLPLD
;
_entity_poly.pdbx_strand_id   A
#
# COMPACT_ATOMS: atom_id res chain seq x y z
N VAL A 5 -10.05 -20.00 -4.19
CA VAL A 5 -9.26 -20.30 -2.97
C VAL A 5 -9.58 -19.22 -1.91
N VAL A 6 -10.06 -19.65 -0.74
CA VAL A 6 -10.41 -18.73 0.33
C VAL A 6 -9.16 -18.34 1.14
N ALA A 7 -9.11 -17.09 1.61
CA ALA A 7 -8.01 -16.58 2.45
C ALA A 7 -8.17 -17.01 3.91
N ASN A 8 -8.19 -18.33 4.12
CA ASN A 8 -8.41 -18.92 5.44
C ASN A 8 -7.06 -19.36 6.05
N TYR A 9 -7.14 -19.81 7.31
CA TYR A 9 -5.95 -20.18 8.09
C TYR A 9 -5.18 -21.34 7.43
N GLU A 10 -5.87 -22.39 7.04
CA GLU A 10 -5.22 -23.55 6.42
C GLU A 10 -4.49 -23.17 5.14
N ASN A 11 -5.14 -22.38 4.28
CA ASN A 11 -4.54 -22.04 2.99
C ASN A 11 -3.35 -21.09 3.15
N ALA A 12 -3.47 -20.09 4.01
CA ALA A 12 -2.35 -19.20 4.27
C ALA A 12 -1.19 -19.96 4.91
N SER A 13 -1.49 -20.95 5.76
CA SER A 13 -0.48 -21.76 6.43
C SER A 13 0.35 -22.56 5.42
N MET A 14 -0.29 -23.08 4.37
CA MET A 14 0.46 -23.87 3.37
CA MET A 14 0.47 -23.86 3.39
C MET A 14 1.43 -22.98 2.60
N ALA A 15 0.99 -21.76 2.25
CA ALA A 15 1.86 -20.80 1.53
C ALA A 15 3.04 -20.40 2.40
N ALA A 16 2.79 -20.10 3.68
CA ALA A 16 3.86 -19.76 4.62
C ALA A 16 4.86 -20.90 4.81
N ASP A 17 4.41 -22.14 4.86
CA ASP A 17 5.35 -23.25 5.01
C ASP A 17 6.32 -23.32 3.83
N TYR A 18 5.80 -23.16 2.60
CA TYR A 18 6.66 -23.16 1.41
C TYR A 18 7.69 -22.05 1.50
N ILE A 19 7.24 -20.83 1.78
CA ILE A 19 8.14 -19.69 1.85
C ILE A 19 9.25 -19.93 2.88
N LYS A 20 8.89 -20.42 4.07
CA LYS A 20 9.90 -20.68 5.10
C LYS A 20 10.92 -21.72 4.64
N ARG A 21 10.46 -22.77 3.94
CA ARG A 21 11.39 -23.81 3.48
C ARG A 21 12.38 -23.27 2.44
N VAL A 22 11.98 -22.28 1.66
CA VAL A 22 12.80 -21.81 0.55
C VAL A 22 13.72 -20.66 0.94
N SER A 23 13.37 -19.83 1.93
CA SER A 23 14.04 -18.54 2.11
C SER A 23 14.91 -18.46 3.35
N ASN A 24 14.58 -19.17 4.43
CA ASN A 24 15.33 -19.13 5.68
C ASN A 24 15.24 -17.77 6.39
N VAL A 25 14.45 -16.82 5.90
CA VAL A 25 14.30 -15.50 6.51
C VAL A 25 13.01 -15.47 7.30
N LEU A 26 13.06 -14.98 8.55
CA LEU A 26 11.83 -14.72 9.31
C LEU A 26 11.63 -13.20 9.43
N PRO A 27 10.78 -12.60 8.61
CA PRO A 27 10.70 -11.13 8.58
C PRO A 27 9.75 -10.61 9.65
N ASP A 28 10.06 -9.43 10.20
CA ASP A 28 9.05 -8.74 11.01
C ASP A 28 8.54 -7.45 10.38
N ILE A 29 9.00 -7.10 9.18
CA ILE A 29 8.53 -5.93 8.44
C ILE A 29 8.11 -6.34 7.03
N GLY A 30 6.96 -5.83 6.58
CA GLY A 30 6.50 -6.05 5.21
C GLY A 30 6.44 -4.73 4.47
N ILE A 31 6.66 -4.78 3.14
CA ILE A 31 6.55 -3.56 2.32
C ILE A 31 5.80 -3.83 1.02
N ILE A 32 4.99 -2.85 0.62
CA ILE A 32 4.25 -2.86 -0.65
C ILE A 32 4.54 -1.53 -1.33
N GLY A 34 4.51 1.36 -4.42
CA GLY A 34 3.63 1.88 -5.45
C GLY A 34 4.25 1.89 -6.83
N SER A 35 3.48 2.26 -7.85
CA SER A 35 3.93 2.04 -9.21
C SER A 35 5.05 3.02 -9.54
N GLY A 36 6.15 2.47 -10.08
CA GLY A 36 7.35 3.25 -10.33
C GLY A 36 8.21 3.53 -9.09
N LEU A 37 7.81 3.00 -7.94
CA LEU A 37 8.46 3.29 -6.67
C LEU A 37 9.10 2.06 -6.04
N GLY A 38 9.55 1.10 -6.86
CA GLY A 38 10.00 -0.19 -6.36
C GLY A 38 11.51 -0.39 -6.30
N LYS A 39 12.31 0.64 -6.51
CA LYS A 39 13.76 0.46 -6.61
C LYS A 39 14.38 -0.08 -5.33
N LEU A 40 13.79 0.24 -4.17
CA LEU A 40 14.32 -0.26 -2.90
C LEU A 40 14.41 -1.78 -2.93
N ILE A 41 13.42 -2.44 -3.53
CA ILE A 41 13.40 -3.90 -3.56
C ILE A 41 14.62 -4.47 -4.28
N GLU A 42 15.20 -3.72 -5.21
CA GLU A 42 16.40 -4.19 -5.89
C GLU A 42 17.66 -3.97 -5.07
N GLU A 43 17.54 -3.43 -3.86
CA GLU A 43 18.68 -3.22 -2.97
C GLU A 43 18.60 -4.10 -1.72
N ILE A 44 17.60 -4.98 -1.64
CA ILE A 44 17.51 -5.89 -0.50
C ILE A 44 18.73 -6.81 -0.50
N GLU A 45 19.27 -7.05 0.70
CA GLU A 45 20.51 -7.81 0.85
C GLU A 45 20.25 -9.28 1.10
N GLU A 46 21.21 -10.11 0.68
CA GLU A 46 21.13 -11.56 0.79
C GLU A 46 19.70 -12.02 0.56
N ARG A 47 19.22 -11.70 -0.63
CA ARG A 47 17.80 -11.77 -0.90
C ARG A 47 17.44 -13.07 -1.61
N LYS A 48 16.14 -13.36 -1.57
CA LYS A 48 15.56 -14.51 -2.21
C LYS A 48 14.32 -14.05 -2.96
N VAL A 49 14.23 -14.37 -4.24
CA VAL A 49 13.09 -13.96 -5.06
C VAL A 49 12.22 -15.20 -5.31
N ILE A 50 10.92 -15.07 -5.02
CA ILE A 50 9.97 -16.17 -5.13
C ILE A 50 8.79 -15.78 -6.01
N PRO A 51 8.71 -16.24 -7.26
CA PRO A 51 7.54 -15.92 -8.09
C PRO A 51 6.25 -16.36 -7.42
N TYR A 52 5.24 -15.48 -7.51
CA TYR A 52 3.92 -15.81 -6.98
C TYR A 52 3.44 -17.16 -7.51
N ILE A 53 3.67 -17.42 -8.80
CA ILE A 53 3.16 -18.61 -9.45
C ILE A 53 3.69 -19.88 -8.83
N ASN A 54 4.82 -19.81 -8.11
CA ASN A 54 5.41 -20.97 -7.43
C ASN A 54 4.84 -21.23 -6.02
N ILE A 55 4.10 -20.31 -5.43
CA ILE A 55 3.70 -20.38 -4.02
C ILE A 55 2.33 -21.02 -3.92
N PRO A 56 2.16 -22.11 -3.17
CA PRO A 56 0.84 -22.72 -3.01
C PRO A 56 -0.21 -21.71 -2.55
N ASN A 57 -1.37 -21.71 -3.22
CA ASN A 57 -2.54 -20.90 -2.94
C ASN A 57 -2.37 -19.41 -3.23
N PHE A 58 -1.24 -18.95 -3.78
CA PHE A 58 -1.18 -17.54 -4.18
C PHE A 58 -2.09 -17.29 -5.40
N PRO A 59 -2.64 -16.09 -5.52
CA PRO A 59 -3.56 -15.79 -6.62
C PRO A 59 -2.85 -15.84 -7.96
N LYS A 60 -3.60 -16.29 -8.97
CA LYS A 60 -3.12 -16.28 -10.37
C LYS A 60 -3.12 -14.86 -10.91
N THR A 61 -1.99 -14.43 -11.50
CA THR A 61 -1.82 -13.05 -11.96
C THR A 61 -1.42 -12.99 -13.44
N THR A 62 -1.62 -14.07 -14.19
CA THR A 62 -1.15 -14.09 -15.57
C THR A 62 -2.05 -13.31 -16.53
N VAL A 63 -3.33 -13.09 -16.22
CA VAL A 63 -4.16 -12.33 -17.17
C VAL A 63 -3.67 -10.88 -17.24
N ALA A 64 -3.42 -10.28 -16.07
CA ALA A 64 -2.88 -8.91 -16.03
C ALA A 64 -1.43 -8.88 -16.50
N GLY A 65 -0.65 -9.91 -16.19
CA GLY A 65 0.74 -9.99 -16.59
C GLY A 65 1.66 -9.14 -15.72
N HIS A 66 2.85 -8.88 -16.25
CA HIS A 66 3.87 -8.11 -15.55
C HIS A 66 4.34 -8.80 -14.27
N VAL A 67 5.26 -8.15 -13.56
CA VAL A 67 6.04 -8.80 -12.50
C VAL A 67 5.14 -9.16 -11.33
N GLY A 68 5.43 -10.31 -10.70
CA GLY A 68 4.76 -10.75 -9.49
C GLY A 68 5.62 -11.67 -8.64
N ASN A 69 6.43 -11.10 -7.74
CA ASN A 69 7.39 -11.83 -6.92
C ASN A 69 7.26 -11.43 -5.45
N LEU A 70 7.48 -12.38 -4.56
CA LEU A 70 7.77 -12.11 -3.16
C LEU A 70 9.29 -12.06 -2.99
N VAL A 71 9.81 -11.02 -2.33
CA VAL A 71 11.26 -10.86 -2.14
C VAL A 71 11.56 -10.74 -0.65
N LEU A 72 12.46 -11.60 -0.16
CA LEU A 72 12.84 -11.62 1.24
C LEU A 72 14.34 -11.34 1.38
N GLY A 73 14.70 -10.65 2.46
CA GLY A 73 16.11 -10.34 2.71
C GLY A 73 16.26 -9.31 3.82
N SER A 74 17.38 -8.58 3.79
CA SER A 74 17.71 -7.61 4.84
C SER A 74 17.86 -6.20 4.29
N VAL A 75 17.33 -5.23 5.05
CA VAL A 75 17.53 -3.80 4.81
C VAL A 75 17.88 -3.15 6.14
N GLY A 76 19.00 -2.41 6.18
CA GLY A 76 19.38 -1.68 7.38
C GLY A 76 19.47 -2.55 8.61
N GLY A 77 19.89 -3.80 8.42
CA GLY A 77 19.95 -4.76 9.50
C GLY A 77 18.64 -5.42 9.86
N ARG A 78 17.53 -5.06 9.22
CA ARG A 78 16.21 -5.58 9.57
C ARG A 78 15.77 -6.63 8.55
N LYS A 79 14.98 -7.59 9.00
CA LYS A 79 14.51 -8.66 8.12
C LYS A 79 13.16 -8.25 7.51
N ILE A 80 13.06 -8.22 6.17
CA ILE A 80 11.84 -7.75 5.54
C ILE A 80 11.32 -8.72 4.49
N VAL A 81 10.03 -8.57 4.15
CA VAL A 81 9.40 -9.24 3.01
C VAL A 81 8.68 -8.20 2.16
N ALA A 82 8.93 -8.20 0.85
CA ALA A 82 8.33 -7.24 -0.07
C ALA A 82 7.43 -7.94 -1.10
N MET A 83 6.32 -7.28 -1.45
CA MET A 83 5.52 -7.65 -2.62
C MET A 83 6.00 -6.83 -3.81
N GLN A 84 6.58 -7.50 -4.81
CA GLN A 84 7.06 -6.85 -6.03
C GLN A 84 6.03 -7.11 -7.13
N GLY A 85 5.14 -6.15 -7.36
CA GLY A 85 3.95 -6.38 -8.17
C GLY A 85 2.70 -6.47 -7.31
N ARG A 86 2.06 -5.35 -7.06
CA ARG A 86 0.92 -5.39 -6.14
C ARG A 86 -0.37 -5.68 -6.89
N LEU A 87 -1.31 -6.30 -6.19
CA LEU A 87 -2.62 -6.62 -6.74
C LEU A 87 -3.60 -5.47 -6.50
N HIS A 88 -4.32 -5.08 -7.56
CA HIS A 88 -5.30 -4.01 -7.49
C HIS A 88 -6.72 -4.52 -7.80
N MET A 89 -7.73 -4.03 -7.03
CA MET A 89 -9.08 -4.56 -7.17
CA MET A 89 -9.09 -4.52 -7.18
C MET A 89 -9.70 -4.16 -8.54
N TYR A 90 -9.25 -3.07 -9.16
CA TYR A 90 -9.79 -2.76 -10.50
C TYR A 90 -9.41 -3.79 -11.56
N GLU A 91 -8.48 -4.72 -11.28
CA GLU A 91 -8.13 -5.78 -12.22
C GLU A 91 -9.13 -6.92 -12.21
N GLY A 92 -10.05 -6.92 -11.24
CA GLY A 92 -11.02 -7.99 -11.06
C GLY A 92 -10.70 -9.05 -10.02
N TYR A 93 -9.60 -8.88 -9.27
CA TYR A 93 -9.30 -9.82 -8.18
C TYR A 93 -10.40 -9.80 -7.14
N SER A 94 -10.66 -10.96 -6.53
CA SER A 94 -11.64 -11.03 -5.44
C SER A 94 -11.04 -10.59 -4.10
N ASN A 95 -11.95 -10.35 -3.13
CA ASN A 95 -11.59 -10.10 -1.73
C ASN A 95 -10.58 -11.13 -1.21
N GLN A 96 -10.81 -12.38 -1.54
CA GLN A 96 -9.97 -13.47 -1.03
C GLN A 96 -8.56 -13.42 -1.62
N GLU A 97 -8.44 -13.03 -2.89
CA GLU A 97 -7.13 -12.95 -3.54
C GLU A 97 -6.28 -11.80 -2.98
N ILE A 98 -6.89 -10.64 -2.74
CA ILE A 98 -6.18 -9.52 -2.14
C ILE A 98 -5.71 -9.85 -0.74
N ALA A 99 -6.57 -10.49 0.06
CA ALA A 99 -6.27 -10.73 1.48
C ALA A 99 -5.22 -11.79 1.71
N LEU A 100 -5.12 -12.83 0.87
CA LEU A 100 -4.27 -13.97 1.24
C LEU A 100 -2.80 -13.60 1.40
N PRO A 101 -2.19 -12.80 0.53
CA PRO A 101 -0.76 -12.44 0.77
C PRO A 101 -0.50 -11.68 2.09
N ILE A 102 -1.45 -10.83 2.53
CA ILE A 102 -1.29 -10.09 3.79
C ILE A 102 -1.38 -11.05 4.98
N ARG A 103 -2.32 -11.99 4.92
CA ARG A 103 -2.42 -12.99 5.98
C ARG A 103 -1.22 -13.95 6.02
N VAL A 104 -0.60 -14.23 4.86
CA VAL A 104 0.67 -14.97 4.86
C VAL A 104 1.76 -14.17 5.55
N MET A 105 1.83 -12.86 5.29
CA MET A 105 2.77 -12.00 6.01
C MET A 105 2.59 -12.12 7.53
N LYS A 106 1.34 -12.03 8.00
CA LYS A 106 1.06 -12.24 9.42
C LYS A 106 1.63 -13.55 9.94
N LEU A 107 1.33 -14.68 9.27
CA LEU A 107 1.85 -15.97 9.72
C LEU A 107 3.37 -16.05 9.69
N LEU A 108 4.04 -15.27 8.82
CA LEU A 108 5.51 -15.27 8.75
C LEU A 108 6.14 -14.47 9.88
N GLY A 109 5.35 -13.67 10.58
CA GLY A 109 5.82 -12.88 11.71
C GLY A 109 5.80 -11.37 11.51
N VAL A 110 5.21 -10.87 10.42
CA VAL A 110 5.21 -9.44 10.16
C VAL A 110 4.40 -8.70 11.23
N ARG A 111 4.99 -7.64 11.79
CA ARG A 111 4.33 -6.78 12.78
C ARG A 111 4.07 -5.36 12.28
N VAL A 112 4.74 -4.91 11.21
CA VAL A 112 4.63 -3.56 10.64
C VAL A 112 4.62 -3.66 9.11
N LEU A 113 3.66 -2.97 8.47
CA LEU A 113 3.51 -2.95 7.01
C LEU A 113 3.68 -1.51 6.53
N LEU A 114 4.66 -1.29 5.63
CA LEU A 114 4.95 0.02 5.03
C LEU A 114 4.44 0.03 3.59
N ILE A 115 3.64 1.04 3.22
CA ILE A 115 2.98 1.13 1.91
C ILE A 115 3.23 2.49 1.24
N THR A 116 3.56 2.49 -0.07
CA THR A 116 3.52 3.73 -0.86
C THR A 116 2.54 3.57 -2.02
N ASN A 117 2.05 4.72 -2.52
CA ASN A 117 1.17 4.75 -3.69
C ASN A 117 1.31 6.09 -4.41
N LEU A 118 0.80 6.15 -5.65
CA LEU A 118 0.61 7.38 -6.41
C LEU A 118 -0.86 7.82 -6.31
N ALA A 119 -1.09 9.12 -6.11
CA ALA A 119 -2.44 9.63 -5.89
C ALA A 119 -2.65 11.01 -6.52
N GLY A 120 -3.92 11.36 -6.72
CA GLY A 120 -4.29 12.72 -7.13
C GLY A 120 -4.57 13.62 -5.93
N GLY A 121 -4.15 14.89 -6.06
CA GLY A 121 -4.38 15.87 -5.03
C GLY A 121 -5.75 16.52 -5.14
N ILE A 122 -6.43 16.63 -3.99
CA ILE A 122 -7.72 17.32 -3.87
C ILE A 122 -7.57 18.60 -3.04
N ASN A 123 -6.98 18.49 -1.86
CA ASN A 123 -6.73 19.66 -1.00
C ASN A 123 -5.96 20.73 -1.77
N ARG A 124 -6.40 21.97 -1.65
CA ARG A 124 -5.74 23.03 -2.43
C ARG A 124 -4.30 23.28 -2.00
N LYS A 125 -3.86 22.79 -0.84
CA LYS A 125 -2.46 22.99 -0.45
C LYS A 125 -1.49 22.00 -1.12
N LEU A 126 -1.98 21.02 -1.89
CA LEU A 126 -1.15 19.96 -2.44
C LEU A 126 -0.77 20.24 -3.91
N LYS A 127 0.50 19.98 -4.25
CA LYS A 127 1.10 20.21 -5.57
C LYS A 127 1.77 18.92 -6.04
N SER A 128 1.97 18.83 -7.34
CA SER A 128 2.71 17.71 -7.90
C SER A 128 4.09 17.58 -7.25
N GLY A 129 4.42 16.35 -6.80
CA GLY A 129 5.68 16.07 -6.17
C GLY A 129 5.63 16.07 -4.64
N ASP A 130 4.52 16.47 -4.04
CA ASP A 130 4.39 16.47 -2.58
C ASP A 130 4.15 15.04 -2.07
N PHE A 131 4.52 14.79 -0.80
CA PHE A 131 4.19 13.53 -0.12
C PHE A 131 3.10 13.76 0.94
N VAL A 132 2.19 12.79 1.10
CA VAL A 132 1.11 12.84 2.11
C VAL A 132 1.16 11.61 3.03
N LEU A 133 1.42 11.83 4.33
CA LEU A 133 1.25 10.80 5.35
C LEU A 133 -0.23 10.56 5.56
N ILE A 134 -0.72 9.34 5.29
CA ILE A 134 -2.16 9.09 5.37
C ILE A 134 -2.56 8.93 6.85
N LYS A 135 -3.56 9.69 7.31
CA LYS A 135 -4.01 9.62 8.70
C LYS A 135 -5.41 9.04 8.87
N GLY A 136 -6.09 8.76 7.78
CA GLY A 136 -7.45 8.23 7.76
C GLY A 136 -7.90 8.06 6.33
N HIS A 137 -9.09 7.45 6.16
CA HIS A 137 -9.57 7.20 4.79
C HIS A 137 -11.09 7.29 4.68
N ILE A 138 -11.55 7.45 3.44
CA ILE A 138 -12.97 7.32 3.10
C ILE A 138 -13.09 6.20 2.06
N ASN A 139 -13.72 5.10 2.46
CA ASN A 139 -13.78 3.85 1.68
C ASN A 139 -15.08 3.73 0.89
N PHE A 140 -15.13 4.33 -0.31
CA PHE A 140 -16.38 4.29 -1.08
C PHE A 140 -16.82 2.86 -1.41
N PRO A 141 -15.93 1.96 -1.79
CA PRO A 141 -16.38 0.56 -1.98
C PRO A 141 -16.96 -0.06 -0.71
N GLY A 142 -16.36 0.23 0.45
CA GLY A 142 -16.86 -0.36 1.69
C GLY A 142 -18.25 0.11 2.07
N LEU A 143 -18.53 1.41 1.95
CA LEU A 143 -19.89 1.87 2.22
C LEU A 143 -20.87 1.21 1.27
N GLY A 144 -20.42 0.92 0.03
CA GLY A 144 -21.25 0.39 -1.05
C GLY A 144 -21.33 -1.10 -1.26
N LEU A 145 -21.01 -1.90 -0.21
CA LEU A 145 -21.09 -3.38 -0.15
C LEU A 145 -19.97 -4.11 -0.90
N ASN A 146 -18.84 -3.43 -1.18
CA ASN A 146 -17.64 -4.04 -1.77
C ASN A 146 -16.43 -3.92 -0.83
N ASN A 147 -16.65 -3.85 0.50
CA ASN A 147 -15.56 -3.95 1.48
C ASN A 147 -14.77 -5.24 1.27
N VAL A 148 -13.44 -5.16 1.46
CA VAL A 148 -12.56 -6.33 1.32
C VAL A 148 -12.89 -7.44 2.33
N LEU A 149 -13.61 -7.12 3.43
CA LEU A 149 -13.99 -8.14 4.42
C LEU A 149 -15.39 -8.73 4.20
N VAL A 150 -16.14 -8.33 3.15
CA VAL A 150 -17.43 -8.96 2.87
C VAL A 150 -17.23 -10.44 2.57
N GLY A 151 -17.98 -11.30 3.28
CA GLY A 151 -17.80 -12.73 3.26
C GLY A 151 -17.79 -13.28 4.67
N PRO A 152 -17.67 -14.60 4.83
CA PRO A 152 -17.48 -15.18 6.16
C PRO A 152 -16.28 -14.55 6.85
N ASN A 153 -16.36 -14.37 8.17
CA ASN A 153 -15.16 -13.94 8.90
C ASN A 153 -14.24 -15.12 9.15
N GLN A 154 -12.94 -14.89 9.00
CA GLN A 154 -11.89 -15.88 9.31
C GLN A 154 -11.41 -15.55 10.74
N ASP A 155 -12.04 -16.21 11.72
CA ASP A 155 -11.89 -15.86 13.14
C ASP A 155 -10.45 -15.97 13.64
N GLU A 156 -9.65 -16.89 13.08
CA GLU A 156 -8.27 -17.03 13.54
C GLU A 156 -7.46 -15.75 13.34
N PHE A 157 -7.86 -14.92 12.37
CA PHE A 157 -7.11 -13.71 12.06
C PHE A 157 -7.62 -12.47 12.78
N GLY A 158 -8.93 -12.34 13.04
CA GLY A 158 -9.44 -11.12 13.63
C GLY A 158 -10.93 -11.16 13.87
N PRO A 159 -11.50 -10.03 14.33
CA PRO A 159 -12.92 -9.98 14.69
C PRO A 159 -13.85 -9.74 13.51
N ARG A 160 -15.13 -10.12 13.74
CA ARG A 160 -16.17 -9.92 12.71
C ARG A 160 -16.33 -8.44 12.35
N PHE A 161 -16.30 -7.54 13.35
CA PHE A 161 -16.51 -6.10 13.14
C PHE A 161 -15.31 -5.27 13.60
N PRO A 162 -14.33 -5.04 12.73
CA PRO A 162 -13.13 -4.27 13.11
C PRO A 162 -13.37 -2.78 13.28
N ASP A 163 -12.63 -2.21 14.24
CA ASP A 163 -12.54 -0.77 14.48
C ASP A 163 -11.29 -0.25 13.77
N LEU A 164 -11.46 0.69 12.84
CA LEU A 164 -10.36 1.21 12.03
C LEU A 164 -9.79 2.55 12.55
N SER A 165 -10.20 3.01 13.73
CA SER A 165 -9.81 4.36 14.18
C SER A 165 -8.30 4.48 14.42
N ASN A 166 -7.60 3.39 14.64
CA ASN A 166 -6.14 3.43 14.82
C ASN A 166 -5.41 2.63 13.74
N ALA A 167 -6.01 2.52 12.54
CA ALA A 167 -5.39 1.77 11.44
C ALA A 167 -4.05 2.37 11.01
N TYR A 168 -3.92 3.71 11.04
CA TYR A 168 -2.70 4.41 10.62
C TYR A 168 -1.94 4.83 11.88
N ASP A 169 -0.92 4.05 12.28
CA ASP A 169 -0.19 4.28 13.52
C ASP A 169 0.38 5.71 13.65
N ARG A 170 0.06 6.39 14.75
CA ARG A 170 0.50 7.78 14.91
C ARG A 170 2.02 7.90 15.12
N LEU A 171 2.63 6.97 15.85
CA LEU A 171 4.06 7.04 16.09
C LEU A 171 4.87 6.80 14.82
N LEU A 172 4.37 5.97 13.90
CA LEU A 172 5.08 5.79 12.64
C LEU A 172 5.00 7.04 11.77
N GLN A 173 3.86 7.74 11.82
CA GLN A 173 3.74 9.03 11.12
C GLN A 173 4.73 10.03 11.68
N GLN A 174 4.90 10.06 13.01
CA GLN A 174 5.85 10.99 13.61
C GLN A 174 7.30 10.67 13.20
N LEU A 175 7.63 9.37 13.13
CA LEU A 175 9.01 9.01 12.78
C LEU A 175 9.31 9.39 11.34
N ALA A 176 8.35 9.17 10.44
CA ALA A 176 8.52 9.54 9.05
C ALA A 176 8.76 11.04 8.92
N LEU A 177 7.98 11.85 9.66
CA LEU A 177 8.17 13.30 9.62
C LEU A 177 9.52 13.70 10.20
N LYS A 178 9.93 13.06 11.30
CA LYS A 178 11.21 13.41 11.93
C LYS A 178 12.36 13.23 10.95
N ILE A 179 12.34 12.14 10.18
CA ILE A 179 13.44 11.87 9.24
C ILE A 179 13.43 12.88 8.10
N ALA A 180 12.25 13.25 7.61
CA ALA A 180 12.19 14.31 6.59
C ALA A 180 12.82 15.61 7.09
N GLN A 181 12.54 15.98 8.35
CA GLN A 181 13.15 17.18 8.92
C GLN A 181 14.68 17.05 8.99
N GLU A 182 15.17 15.88 9.41
CA GLU A 182 16.61 15.68 9.51
C GLU A 182 17.32 15.91 8.18
N ASN A 183 16.64 15.62 7.07
CA ASN A 183 17.21 15.76 5.74
C ASN A 183 16.70 16.99 4.99
N ASP A 184 16.00 17.89 5.69
CA ASP A 184 15.57 19.17 5.14
C ASP A 184 14.69 19.03 3.88
N PHE A 185 13.77 18.04 3.85
CA PHE A 185 12.71 18.03 2.83
C PHE A 185 11.31 18.03 3.44
N GLN A 186 11.21 18.54 4.68
CA GLN A 186 9.91 18.55 5.37
C GLN A 186 8.92 19.50 4.71
N ASP A 187 9.40 20.46 3.91
CA ASP A 187 8.48 21.31 3.16
C ASP A 187 7.65 20.54 2.13
N LEU A 188 8.04 19.31 1.81
CA LEU A 188 7.28 18.47 0.88
C LEU A 188 6.21 17.62 1.57
N VAL A 189 6.19 17.56 2.90
CA VAL A 189 5.47 16.50 3.64
C VAL A 189 4.23 17.09 4.33
N HIS A 190 3.06 16.57 3.97
CA HIS A 190 1.74 16.91 4.50
C HIS A 190 1.13 15.69 5.17
N GLU A 191 -0.03 15.88 5.80
CA GLU A 191 -0.84 14.76 6.26
C GLU A 191 -2.23 14.90 5.67
N GLY A 192 -2.96 13.79 5.55
CA GLY A 192 -4.28 13.91 4.95
C GLY A 192 -5.08 12.62 4.88
N VAL A 193 -6.33 12.80 4.45
CA VAL A 193 -7.34 11.74 4.32
C VAL A 193 -7.36 11.21 2.88
N TYR A 194 -7.27 9.88 2.72
CA TYR A 194 -7.23 9.21 1.42
C TYR A 194 -8.60 8.68 1.04
N ALA A 195 -9.09 9.10 -0.14
CA ALA A 195 -10.33 8.55 -0.72
C ALA A 195 -10.00 7.38 -1.63
N PHE A 196 -10.67 6.24 -1.42
CA PHE A 196 -10.49 5.04 -2.26
C PHE A 196 -11.49 5.13 -3.41
N ASN A 197 -10.99 5.43 -4.62
CA ASN A 197 -11.71 5.30 -5.89
C ASN A 197 -11.47 3.90 -6.44
N GLY A 198 -12.51 3.09 -6.58
CA GLY A 198 -12.30 1.73 -7.09
C GLY A 198 -11.55 1.68 -8.42
N GLY A 199 -11.82 2.62 -9.30
CA GLY A 199 -11.10 2.71 -10.58
C GLY A 199 -11.65 1.79 -11.67
N PRO A 200 -10.98 1.69 -12.83
CA PRO A 200 -9.66 2.24 -13.18
C PRO A 200 -9.64 3.61 -13.87
N THR A 201 -10.80 4.23 -14.10
CA THR A 201 -10.81 5.60 -14.60
C THR A 201 -10.37 6.58 -13.52
N TYR A 202 -9.57 7.59 -13.94
CA TYR A 202 -9.27 8.70 -13.05
C TYR A 202 -10.59 9.35 -12.66
N GLU A 203 -10.67 9.88 -11.43
CA GLU A 203 -11.82 10.71 -11.06
C GLU A 203 -12.12 11.78 -12.11
N SER A 204 -13.41 11.91 -12.49
CA SER A 204 -13.84 12.95 -13.40
C SER A 204 -13.74 14.34 -12.76
N PRO A 205 -13.79 15.40 -13.55
CA PRO A 205 -13.75 16.75 -12.97
C PRO A 205 -14.83 16.99 -11.92
N ASP A 206 -16.04 16.49 -12.14
CA ASP A 206 -17.11 16.69 -11.18
C ASP A 206 -17.01 15.76 -9.99
N GLU A 207 -16.44 14.55 -10.15
CA GLU A 207 -16.11 13.74 -9.00
C GLU A 207 -15.05 14.41 -8.12
N SER A 208 -14.04 15.07 -8.72
CA SER A 208 -13.03 15.76 -7.92
C SER A 208 -13.68 16.82 -7.05
N ASN A 209 -14.57 17.61 -7.64
CA ASN A 209 -15.26 18.67 -6.88
C ASN A 209 -16.08 18.07 -5.74
N MET A 210 -16.72 16.91 -5.98
CA MET A 210 -17.45 16.24 -4.92
C MET A 210 -16.52 15.80 -3.80
N LEU A 211 -15.35 15.24 -4.14
CA LEU A 211 -14.41 14.79 -3.11
C LEU A 211 -13.94 15.95 -2.24
N LEU A 212 -13.77 17.14 -2.83
CA LEU A 212 -13.38 18.33 -2.05
C LEU A 212 -14.45 18.67 -1.01
N LYS A 213 -15.73 18.68 -1.41
CA LYS A 213 -16.83 18.94 -0.49
C LYS A 213 -16.85 17.94 0.66
N LEU A 214 -16.42 16.70 0.43
CA LEU A 214 -16.57 15.66 1.45
C LEU A 214 -15.37 15.55 2.38
N GLY A 215 -14.39 16.42 2.25
CA GLY A 215 -13.25 16.43 3.15
C GLY A 215 -12.13 15.47 2.79
N CYS A 216 -12.06 15.03 1.54
CA CYS A 216 -10.97 14.20 1.08
C CYS A 216 -9.79 15.08 0.71
N ASP A 217 -8.58 14.63 1.05
CA ASP A 217 -7.38 15.36 0.68
C ASP A 217 -6.67 14.80 -0.55
N VAL A 218 -6.73 13.49 -0.78
CA VAL A 218 -6.08 12.82 -1.92
C VAL A 218 -7.01 11.68 -2.36
N VAL A 219 -6.81 11.18 -3.58
CA VAL A 219 -7.63 10.09 -4.14
C VAL A 219 -6.75 9.08 -4.87
N GLY A 220 -6.97 7.78 -4.59
CA GLY A 220 -6.27 6.69 -5.28
C GLY A 220 -7.08 5.40 -5.37
N MET A 221 -6.50 4.42 -6.10
CA MET A 221 -7.16 3.15 -6.42
C MET A 221 -6.57 1.93 -5.70
N SER A 222 -5.83 2.12 -4.61
CA SER A 222 -5.20 1.00 -3.90
C SER A 222 -5.24 1.26 -2.40
N THR A 223 -4.41 0.48 -1.66
CA THR A 223 -4.00 0.74 -0.28
C THR A 223 -5.07 0.45 0.78
N VAL A 224 -6.26 1.02 0.67
CA VAL A 224 -7.32 0.75 1.68
C VAL A 224 -7.64 -0.74 1.83
N PRO A 225 -7.72 -1.56 0.77
CA PRO A 225 -7.97 -3.01 1.02
C PRO A 225 -6.89 -3.66 1.87
N GLU A 226 -5.60 -3.41 1.57
CA GLU A 226 -4.52 -4.00 2.36
C GLU A 226 -4.51 -3.49 3.79
N VAL A 227 -4.75 -2.17 3.96
CA VAL A 227 -4.79 -1.58 5.29
C VAL A 227 -5.83 -2.28 6.16
N ILE A 228 -7.01 -2.53 5.58
CA ILE A 228 -8.09 -3.14 6.36
C ILE A 228 -7.75 -4.58 6.74
N ILE A 229 -7.18 -5.36 5.83
CA ILE A 229 -6.76 -6.73 6.17
C ILE A 229 -5.65 -6.73 7.23
N ALA A 230 -4.71 -5.80 7.13
CA ALA A 230 -3.65 -5.66 8.14
C ALA A 230 -4.21 -5.27 9.50
N CYS A 231 -5.10 -4.27 9.55
CA CYS A 231 -5.68 -3.84 10.83
C CYS A 231 -6.49 -4.97 11.49
N HIS A 232 -7.26 -5.72 10.68
CA HIS A 232 -8.04 -6.86 11.17
C HIS A 232 -7.19 -7.87 11.96
N CYS A 233 -5.97 -8.16 11.48
CA CYS A 233 -5.11 -9.14 12.12
C CYS A 233 -3.97 -8.52 12.95
N GLY A 234 -4.07 -7.23 13.30
CA GLY A 234 -3.16 -6.63 14.27
C GLY A 234 -1.78 -6.20 13.77
N ILE A 235 -1.62 -5.94 12.47
CA ILE A 235 -0.39 -5.39 11.89
C ILE A 235 -0.50 -3.86 11.84
N LYS A 236 0.54 -3.17 12.33
CA LYS A 236 0.64 -1.70 12.28
C LYS A 236 0.97 -1.25 10.87
N VAL A 237 0.45 -0.07 10.46
CA VAL A 237 0.58 0.42 9.08
C VAL A 237 1.11 1.85 9.06
N LEU A 238 2.06 2.13 8.14
CA LEU A 238 2.37 3.46 7.63
C LEU A 238 2.09 3.47 6.13
N ALA A 239 1.34 4.46 5.66
CA ALA A 239 1.01 4.58 4.24
C ALA A 239 1.30 6.02 3.78
N VAL A 240 2.05 6.17 2.67
CA VAL A 240 2.46 7.48 2.14
C VAL A 240 2.06 7.58 0.66
N SER A 241 1.35 8.67 0.30
CA SER A 241 1.00 8.97 -1.09
C SER A 241 2.01 9.97 -1.70
N LEU A 242 2.43 9.71 -2.94
CA LEU A 242 3.12 10.68 -3.79
C LEU A 242 2.11 11.33 -4.73
N ILE A 243 2.00 12.66 -4.68
CA ILE A 243 0.97 13.41 -5.40
C ILE A 243 1.45 13.69 -6.83
N ALA A 244 0.68 13.26 -7.83
CA ALA A 244 1.09 13.50 -9.22
C ALA A 244 0.54 14.81 -9.80
N ASN A 245 -0.53 15.36 -9.23
CA ASN A 245 -1.24 16.50 -9.79
C ASN A 245 -2.22 17.02 -8.76
N ASN A 246 -2.84 18.19 -9.04
CA ASN A 246 -4.01 18.63 -8.27
C ASN A 246 -5.24 18.62 -9.18
N SER A 247 -6.16 17.69 -8.93
CA SER A 247 -7.33 17.47 -9.80
C SER A 247 -8.31 18.64 -9.77
N ILE A 248 -8.35 19.37 -8.65
CA ILE A 248 -9.23 20.54 -8.56
C ILE A 248 -8.71 21.66 -9.45
N LEU A 249 -7.40 21.97 -9.39
CA LEU A 249 -6.85 22.94 -10.33
C LEU A 249 -7.05 22.50 -11.76
N ASP A 250 -6.79 21.24 -12.06
CA ASP A 250 -6.98 20.75 -13.44
C ASP A 250 -8.41 20.95 -13.90
N ALA A 251 -9.39 20.72 -13.03
CA ALA A 251 -10.80 20.94 -13.43
C ALA A 251 -11.08 22.41 -13.74
N GLU A 252 -10.53 23.33 -12.94
CA GLU A 252 -10.73 24.77 -13.17
C GLU A 252 -10.10 25.24 -14.48
N ASN A 253 -9.00 24.60 -14.88
CA ASN A 253 -8.26 25.02 -16.05
C ASN A 253 -8.52 24.15 -17.29
N ASP A 254 -9.36 23.11 -17.21
CA ASP A 254 -9.65 22.19 -18.32
C ASP A 254 -8.39 21.47 -18.83
N VAL A 255 -7.57 20.99 -17.91
CA VAL A 255 -6.33 20.24 -18.17
C VAL A 255 -6.51 18.79 -17.70
N SER A 256 -5.78 17.87 -18.33
CA SER A 256 -6.00 16.44 -18.11
C SER A 256 -4.77 15.77 -17.49
N ILE A 257 -5.01 14.67 -16.77
CA ILE A 257 -3.95 13.79 -16.29
C ILE A 257 -3.94 12.54 -17.18
N ASN A 258 -2.83 11.81 -17.18
CA ASN A 258 -2.75 10.49 -17.83
C ASN A 258 -1.61 9.68 -17.20
N HIS A 259 -1.54 8.37 -17.54
CA HIS A 259 -0.57 7.50 -16.86
C HIS A 259 0.87 7.90 -17.18
N GLU A 260 1.11 8.42 -18.38
CA GLU A 260 2.45 8.87 -18.73
C GLU A 260 2.92 9.99 -17.82
N LYS A 261 2.05 10.98 -17.59
CA LYS A 261 2.40 12.08 -16.69
C LYS A 261 2.63 11.59 -15.26
N VAL A 262 1.84 10.61 -14.82
CA VAL A 262 2.01 10.07 -13.47
C VAL A 262 3.37 9.42 -13.32
N LEU A 263 3.76 8.54 -14.27
CA LEU A 263 5.02 7.82 -14.12
C LEU A 263 6.21 8.77 -14.19
N ALA A 264 6.08 9.89 -14.88
CA ALA A 264 7.18 10.86 -14.90
C ALA A 264 7.38 11.54 -13.55
N VAL A 265 6.29 11.80 -12.82
CA VAL A 265 6.45 12.30 -11.43
C VAL A 265 7.10 11.24 -10.55
N ALA A 266 6.69 9.96 -10.70
CA ALA A 266 7.30 8.91 -9.91
C ALA A 266 8.80 8.85 -10.14
N GLU A 267 9.22 8.96 -11.39
CA GLU A 267 10.66 8.92 -11.68
C GLU A 267 11.39 10.08 -10.99
N LYS A 268 10.74 11.24 -10.91
CA LYS A 268 11.41 12.42 -10.36
C LYS A 268 11.61 12.32 -8.85
N ARG A 269 10.74 11.61 -8.14
CA ARG A 269 10.84 11.45 -6.68
C ARG A 269 11.30 10.07 -6.22
N ALA A 270 11.57 9.12 -7.12
CA ALA A 270 11.83 7.73 -6.71
C ALA A 270 13.04 7.61 -5.79
N ASP A 271 14.14 8.30 -6.11
CA ASP A 271 15.37 8.11 -5.34
C ASP A 271 15.24 8.70 -3.94
N LEU A 272 14.53 9.83 -3.78
CA LEU A 272 14.32 10.40 -2.44
C LEU A 272 13.42 9.50 -1.60
N LEU A 273 12.37 8.97 -2.20
CA LEU A 273 11.49 8.05 -1.49
C LEU A 273 12.24 6.79 -1.07
N GLN A 274 13.15 6.31 -1.92
CA GLN A 274 13.94 5.12 -1.60
C GLN A 274 14.81 5.34 -0.37
N MET A 275 15.49 6.48 -0.34
CA MET A 275 16.35 6.80 0.81
C MET A 275 15.53 7.01 2.08
N TRP A 276 14.39 7.71 1.94
CA TRP A 276 13.50 7.96 3.09
C TRP A 276 13.05 6.65 3.73
N PHE A 277 12.53 5.71 2.93
CA PHE A 277 12.01 4.46 3.47
C PHE A 277 13.13 3.53 3.96
N LYS A 278 14.32 3.58 3.37
CA LYS A 278 15.43 2.82 3.95
C LYS A 278 15.70 3.28 5.38
N GLU A 279 15.69 4.60 5.62
CA GLU A 279 15.96 5.09 6.96
C GLU A 279 14.80 4.75 7.90
N ILE A 280 13.55 4.82 7.43
CA ILE A 280 12.41 4.45 8.27
C ILE A 280 12.55 3.00 8.75
N ILE A 281 12.85 2.08 7.82
CA ILE A 281 13.05 0.67 8.17
C ILE A 281 14.15 0.55 9.22
N THR A 282 15.24 1.28 9.02
CA THR A 282 16.38 1.15 9.94
C THR A 282 16.00 1.60 11.36
N ARG A 283 15.17 2.64 11.47
CA ARG A 283 14.82 3.30 12.72
C ARG A 283 13.58 2.75 13.42
N LEU A 284 12.83 1.84 12.79
CA LEU A 284 11.61 1.32 13.39
C LEU A 284 11.89 0.78 14.80
N PRO A 285 11.01 1.07 15.79
CA PRO A 285 11.21 0.59 17.17
C PRO A 285 11.62 -0.88 17.25
#